data_8XRQ
#
_entry.id   8XRQ
#
loop_
_entity.id
_entity.type
_entity.pdbx_description
1 polymer 'Spike protein S1'
2 polymer 'Heavy chain of VacBB 639 Fab'
3 polymer 'Light chain of VacBB 639 Fab'
#
loop_
_entity_poly.entity_id
_entity_poly.type
_entity_poly.pdbx_seq_one_letter_code
_entity_poly.pdbx_strand_id
1 'polypeptide(L)'
;RVQPTESIVRFPNITNLCPFDEVFNATRFASVYAWNRKRISNCVADYSVLYNLAPFFTFKCYGVSPTKLNDLCFTNVYAD
SFVIRGDEVRQIAPGQTGNIADYNYKLPDDFTGCVIAWNSNKLDSKVSGNYNYLYRLFRKSNLKPFERDISTEIYQAGNK
PCNGVAGFNCYFPLRSYSFRPTYGVGHQPYRVVVLSFELLHAPATVCGPKKSTNLVKNKCVNF
;
A
2 'polypeptide(L)'
;QVQLQESGPGLVKPSETLSLTCTVSGGSISSYYWSWIRQSPGKGLEWIGYVYNSGGTNYNPSLRSRVTISVDTSKNHFSL
KLRSVTTADTGVYYCARDLGYSSGWPDAFDIWGQGKMVTVSA
;
B
3 'polypeptide(L)'
;EIVLTQSPATLSLSPGERATLSCTASQSVFSYLAWYQQKPGQAPRLLIYGAFNRATGIPARFSGSGSETDFTLTISSLEP
EDFAVYYCQQHSNWPGTFGQGTKVEIK
;
C
#
# COMPACT_ATOMS: atom_id res chain seq x y z
N PRO A 19 -24.72 -11.80 -2.58
CA PRO A 19 -23.71 -10.85 -3.05
C PRO A 19 -22.98 -10.15 -1.91
N PHE A 20 -23.36 -10.47 -0.67
CA PHE A 20 -22.75 -9.86 0.51
C PHE A 20 -21.50 -10.60 0.96
N ASP A 21 -20.56 -10.80 0.04
CA ASP A 21 -19.34 -11.54 0.30
C ASP A 21 -18.09 -10.68 0.30
N GLU A 22 -17.85 -9.92 -0.77
CA GLU A 22 -16.66 -9.09 -0.85
C GLU A 22 -16.75 -7.89 0.08
N VAL A 23 -17.96 -7.45 0.41
CA VAL A 23 -18.13 -6.28 1.27
C VAL A 23 -17.71 -6.62 2.71
N PHE A 24 -18.13 -7.77 3.21
CA PHE A 24 -17.90 -8.14 4.60
C PHE A 24 -16.61 -8.94 4.78
N ASN A 25 -16.47 -10.04 4.06
CA ASN A 25 -15.33 -10.93 4.22
C ASN A 25 -14.25 -10.58 3.21
N ALA A 26 -13.57 -9.46 3.48
CA ALA A 26 -12.47 -8.98 2.67
C ALA A 26 -11.26 -8.72 3.55
N THR A 27 -10.07 -8.98 3.01
CA THR A 27 -8.83 -8.82 3.74
C THR A 27 -8.19 -7.44 3.55
N ARG A 28 -8.80 -6.59 2.73
CA ARG A 28 -8.23 -5.26 2.48
C ARG A 28 -9.27 -4.15 2.40
N PHE A 29 -9.14 -3.16 3.26
CA PHE A 29 -10.06 -2.03 3.28
C PHE A 29 -9.25 -0.74 3.11
N ALA A 30 -9.78 0.19 2.30
CA ALA A 30 -9.06 1.40 1.98
C ALA A 30 -9.13 2.40 3.14
N SER A 31 -8.54 3.56 2.94
CA SER A 31 -8.46 4.59 3.97
C SER A 31 -9.73 5.47 3.92
N VAL A 32 -9.83 6.38 4.88
CA VAL A 32 -11.01 7.23 4.98
C VAL A 32 -11.06 8.24 3.83
N TYR A 33 -9.93 8.88 3.51
CA TYR A 33 -9.90 9.84 2.44
C TYR A 33 -9.94 9.20 1.06
N ALA A 34 -9.78 7.88 0.97
CA ALA A 34 -9.90 7.16 -0.28
C ALA A 34 -10.93 6.06 -0.14
N TRP A 35 -12.09 6.41 0.41
CA TRP A 35 -13.13 5.43 0.71
C TRP A 35 -13.60 4.73 -0.56
N ASN A 36 -13.84 3.42 -0.43
CA ASN A 36 -14.28 2.62 -1.55
C ASN A 36 -15.76 2.86 -1.85
N ARG A 37 -16.13 2.62 -3.11
CA ARG A 37 -17.51 2.71 -3.56
C ARG A 37 -17.81 1.51 -4.44
N LYS A 38 -18.77 0.69 -4.03
CA LYS A 38 -19.13 -0.53 -4.73
C LYS A 38 -20.58 -0.48 -5.17
N ARG A 39 -20.83 -0.95 -6.39
CA ARG A 39 -22.17 -0.97 -6.97
C ARG A 39 -22.65 -2.42 -7.05
N ILE A 40 -23.78 -2.69 -6.40
CA ILE A 40 -24.42 -4.01 -6.44
C ILE A 40 -25.82 -3.81 -6.99
N SER A 41 -26.15 -4.54 -8.06
CA SER A 41 -27.45 -4.40 -8.70
C SER A 41 -27.71 -5.63 -9.56
N ASN A 42 -28.97 -5.76 -9.99
CA ASN A 42 -29.42 -6.83 -10.87
C ASN A 42 -29.08 -8.21 -10.29
N CYS A 43 -29.34 -8.36 -8.99
CA CYS A 43 -29.09 -9.62 -8.32
C CYS A 43 -29.93 -9.69 -7.05
N VAL A 44 -30.36 -10.91 -6.70
CA VAL A 44 -31.07 -11.11 -5.45
C VAL A 44 -30.14 -10.80 -4.28
N ALA A 45 -30.66 -10.04 -3.32
CA ALA A 45 -29.84 -9.55 -2.22
C ALA A 45 -30.36 -10.03 -0.87
N ASP A 46 -30.61 -11.34 -0.76
CA ASP A 46 -31.14 -11.91 0.48
C ASP A 46 -30.29 -11.52 1.68
N TYR A 47 -30.95 -11.02 2.72
CA TYR A 47 -30.29 -10.51 3.91
C TYR A 47 -30.23 -11.52 5.04
N SER A 48 -30.28 -12.82 4.71
CA SER A 48 -30.30 -13.85 5.74
C SER A 48 -29.08 -13.76 6.66
N VAL A 49 -27.94 -13.32 6.12
CA VAL A 49 -26.75 -13.14 6.95
C VAL A 49 -26.93 -11.97 7.91
N LEU A 50 -27.55 -10.90 7.43
CA LEU A 50 -27.69 -9.71 8.27
C LEU A 50 -28.35 -10.05 9.59
N TYR A 51 -29.53 -10.66 9.53
CA TYR A 51 -30.24 -10.97 10.76
C TYR A 51 -29.41 -11.84 11.69
N ASN A 52 -28.68 -12.81 11.14
CA ASN A 52 -27.84 -13.68 11.94
C ASN A 52 -26.47 -13.09 12.25
N LEU A 53 -26.16 -11.90 11.71
CA LEU A 53 -24.89 -11.25 12.02
C LEU A 53 -24.92 -10.74 13.47
N ALA A 54 -24.33 -11.51 14.38
CA ALA A 54 -24.40 -11.21 15.81
C ALA A 54 -23.27 -11.90 16.54
N PRO A 55 -22.94 -11.48 17.78
CA PRO A 55 -23.47 -10.39 18.60
C PRO A 55 -22.48 -9.26 18.81
N PHE A 56 -21.63 -8.95 17.82
CA PHE A 56 -20.70 -7.83 17.91
C PHE A 56 -20.83 -6.96 16.67
N PHE A 57 -22.04 -6.88 16.11
CA PHE A 57 -22.33 -6.05 14.94
C PHE A 57 -23.41 -5.05 15.32
N THR A 58 -23.02 -3.82 15.59
CA THR A 58 -24.01 -2.76 15.73
C THR A 58 -24.71 -2.54 14.40
N PHE A 59 -26.04 -2.55 14.44
CA PHE A 59 -26.84 -2.55 13.23
C PHE A 59 -27.84 -1.40 13.25
N LYS A 60 -27.36 -0.20 13.58
CA LYS A 60 -28.22 0.97 13.62
C LYS A 60 -28.65 1.35 12.21
N CYS A 61 -29.95 1.24 11.93
CA CYS A 61 -30.51 1.53 10.62
C CYS A 61 -31.35 2.79 10.70
N TYR A 62 -31.10 3.73 9.79
CA TYR A 62 -31.80 5.00 9.75
C TYR A 62 -32.74 5.02 8.55
N GLY A 63 -34.03 5.19 8.81
CA GLY A 63 -35.00 5.34 7.75
C GLY A 63 -36.01 4.20 7.63
N VAL A 64 -35.52 2.97 7.74
CA VAL A 64 -36.37 1.79 7.69
C VAL A 64 -35.96 0.84 8.80
N SER A 65 -36.93 0.06 9.29
CA SER A 65 -36.69 -0.89 10.36
C SER A 65 -35.88 -2.08 9.85
N PRO A 66 -35.01 -2.64 10.70
CA PRO A 66 -34.27 -3.85 10.28
C PRO A 66 -35.18 -5.03 9.98
N THR A 67 -36.31 -5.15 10.69
CA THR A 67 -37.23 -6.24 10.43
C THR A 67 -37.94 -6.07 9.08
N LYS A 68 -38.22 -4.82 8.69
CA LYS A 68 -38.95 -4.55 7.46
C LYS A 68 -37.96 -4.24 6.33
N LEU A 69 -37.29 -5.29 5.89
CA LEU A 69 -36.36 -5.18 4.76
C LEU A 69 -36.74 -6.07 3.58
N ASN A 70 -37.27 -7.26 3.83
CA ASN A 70 -37.61 -8.17 2.74
C ASN A 70 -38.71 -7.59 1.86
N ASP A 71 -39.71 -6.93 2.47
CA ASP A 71 -40.80 -6.35 1.71
C ASP A 71 -40.35 -5.22 0.80
N LEU A 72 -39.27 -4.54 1.14
CA LEU A 72 -38.78 -3.42 0.34
C LEU A 72 -37.93 -3.90 -0.83
N CYS A 73 -37.84 -3.05 -1.85
CA CYS A 73 -37.02 -3.32 -3.02
C CYS A 73 -36.22 -2.08 -3.37
N PHE A 74 -35.00 -2.30 -3.88
CA PHE A 74 -34.11 -1.21 -4.24
C PHE A 74 -33.36 -1.58 -5.51
N THR A 75 -32.94 -0.55 -6.25
CA THR A 75 -32.22 -0.75 -7.51
C THR A 75 -30.71 -0.78 -7.30
N ASN A 76 -30.16 0.29 -6.75
CA ASN A 76 -28.73 0.39 -6.47
C ASN A 76 -28.50 0.31 -4.97
N VAL A 77 -27.70 -0.66 -4.54
CA VAL A 77 -27.39 -0.88 -3.13
C VAL A 77 -25.90 -0.59 -2.97
N TYR A 78 -25.57 0.65 -2.64
CA TYR A 78 -24.18 1.01 -2.38
C TYR A 78 -23.72 0.41 -1.06
N ALA A 79 -22.43 0.08 -0.99
CA ALA A 79 -21.84 -0.50 0.21
C ALA A 79 -20.45 0.11 0.38
N ASP A 80 -20.37 1.20 1.15
CA ASP A 80 -19.10 1.78 1.50
C ASP A 80 -18.43 0.92 2.58
N SER A 81 -17.08 1.15 2.69
CA SER A 81 -16.30 0.36 3.64
C SER A 81 -14.96 1.01 3.98
N PHE A 82 -14.72 1.22 5.34
CA PHE A 82 -13.43 1.77 5.71
C PHE A 82 -13.12 1.39 7.14
N VAL A 83 -11.93 1.81 7.59
CA VAL A 83 -11.45 1.56 8.95
C VAL A 83 -11.28 2.90 9.63
N ILE A 84 -11.94 3.06 10.78
CA ILE A 84 -11.81 4.30 11.53
C ILE A 84 -11.73 4.03 13.02
N ARG A 85 -11.52 5.08 13.80
CA ARG A 85 -11.44 4.95 15.24
C ARG A 85 -12.85 4.79 15.80
N GLY A 86 -12.94 4.12 16.96
CA GLY A 86 -14.25 3.90 17.57
C GLY A 86 -14.95 5.20 17.92
N ASP A 87 -14.22 6.13 18.54
CA ASP A 87 -14.80 7.38 19.00
C ASP A 87 -15.15 8.29 17.83
N GLU A 88 -15.04 7.77 16.61
CA GLU A 88 -15.45 8.50 15.42
C GLU A 88 -16.62 7.86 14.70
N VAL A 89 -17.04 6.65 15.08
CA VAL A 89 -18.15 6.01 14.38
C VAL A 89 -19.45 6.80 14.58
N ARG A 90 -19.55 7.49 15.71
CA ARG A 90 -20.71 8.32 15.97
C ARG A 90 -20.85 9.36 14.88
N GLN A 91 -19.75 9.76 14.30
CA GLN A 91 -19.75 10.80 13.28
C GLN A 91 -20.31 10.33 11.95
N ILE A 92 -20.63 9.04 11.81
CA ILE A 92 -21.27 8.55 10.60
C ILE A 92 -22.77 8.79 10.62
N ALA A 93 -23.34 9.14 11.77
CA ALA A 93 -24.76 9.41 11.86
C ALA A 93 -25.11 10.66 11.05
N PRO A 94 -26.29 10.72 10.44
CA PRO A 94 -26.66 11.90 9.65
C PRO A 94 -26.70 13.16 10.50
N GLY A 95 -26.27 14.27 9.89
CA GLY A 95 -26.27 15.56 10.55
C GLY A 95 -25.35 15.65 11.75
N GLN A 96 -24.05 15.53 11.50
CA GLN A 96 -23.05 15.59 12.57
C GLN A 96 -21.83 16.34 12.07
N THR A 97 -21.04 16.84 13.01
CA THR A 97 -19.85 17.63 12.71
C THR A 97 -18.63 16.97 13.33
N GLY A 98 -17.54 16.94 12.57
CA GLY A 98 -16.30 16.37 13.04
C GLY A 98 -15.33 16.21 11.90
N ASN A 99 -14.10 15.84 12.26
CA ASN A 99 -13.04 15.69 11.27
C ASN A 99 -13.39 14.60 10.25
N ILE A 100 -13.96 13.48 10.72
CA ILE A 100 -14.35 12.42 9.81
C ILE A 100 -15.57 12.80 9.00
N ALA A 101 -16.41 13.69 9.50
CA ALA A 101 -17.68 14.03 8.87
C ALA A 101 -17.67 15.37 8.14
N ASP A 102 -16.54 16.08 8.14
CA ASP A 102 -16.44 17.37 7.45
C ASP A 102 -15.50 17.35 6.25
N TYR A 103 -14.37 16.65 6.35
CA TYR A 103 -13.39 16.61 5.27
C TYR A 103 -13.32 15.27 4.55
N ASN A 104 -13.62 14.17 5.23
CA ASN A 104 -13.40 12.86 4.62
C ASN A 104 -14.68 12.30 3.98
N TYR A 105 -15.73 12.12 4.77
CA TYR A 105 -16.95 11.50 4.29
C TYR A 105 -18.15 12.27 4.81
N LYS A 106 -19.05 12.65 3.89
CA LYS A 106 -20.24 13.41 4.23
C LYS A 106 -21.49 12.59 3.93
N LEU A 107 -22.42 12.58 4.87
CA LEU A 107 -23.70 11.90 4.72
C LEU A 107 -24.84 12.90 4.87
N PRO A 108 -25.74 12.98 3.90
CA PRO A 108 -26.77 14.04 3.94
C PRO A 108 -27.76 13.82 5.07
N ASP A 109 -28.43 14.93 5.43
CA ASP A 109 -29.43 14.87 6.50
C ASP A 109 -30.59 13.96 6.12
N ASP A 110 -31.06 14.05 4.88
CA ASP A 110 -32.13 13.17 4.40
C ASP A 110 -31.56 11.82 4.01
N PHE A 111 -30.99 11.11 4.98
CA PHE A 111 -30.33 9.84 4.70
C PHE A 111 -31.28 8.67 4.88
N THR A 112 -31.23 7.73 3.94
CA THR A 112 -32.02 6.50 3.97
C THR A 112 -31.06 5.33 3.77
N GLY A 113 -30.61 4.76 4.87
CA GLY A 113 -29.66 3.65 4.77
C GLY A 113 -29.34 3.09 6.14
N CYS A 114 -28.51 2.05 6.11
CA CYS A 114 -28.09 1.33 7.31
C CYS A 114 -26.60 1.49 7.52
N VAL A 115 -26.18 1.28 8.78
CA VAL A 115 -24.77 1.37 9.12
C VAL A 115 -24.37 0.19 9.99
N ILE A 116 -23.30 -0.50 9.63
CA ILE A 116 -22.81 -1.67 10.34
C ILE A 116 -21.35 -1.42 10.74
N ALA A 117 -21.06 -1.53 12.02
CA ALA A 117 -19.70 -1.30 12.52
C ALA A 117 -19.30 -2.45 13.43
N TRP A 118 -18.05 -2.89 13.29
CA TRP A 118 -17.60 -3.94 14.18
C TRP A 118 -16.10 -3.79 14.43
N ASN A 119 -15.68 -4.21 15.62
CA ASN A 119 -14.27 -4.13 15.98
C ASN A 119 -13.48 -5.11 15.13
N SER A 120 -12.33 -4.65 14.63
CA SER A 120 -11.46 -5.44 13.77
C SER A 120 -10.01 -5.35 14.25
N ASN A 121 -9.80 -5.49 15.55
CA ASN A 121 -8.45 -5.42 16.10
C ASN A 121 -7.59 -6.57 15.59
N LYS A 122 -8.16 -7.78 15.52
CA LYS A 122 -7.38 -8.95 15.14
C LYS A 122 -7.01 -8.99 13.67
N LEU A 123 -7.60 -8.12 12.84
CA LEU A 123 -7.34 -8.13 11.41
C LEU A 123 -6.64 -6.90 10.88
N ASP A 124 -6.71 -5.77 11.59
CA ASP A 124 -6.15 -4.51 11.12
C ASP A 124 -5.35 -3.82 12.22
N SER A 125 -4.50 -4.59 12.90
CA SER A 125 -3.60 -4.04 13.91
C SER A 125 -2.25 -4.74 13.80
N LYS A 126 -1.24 -4.12 14.40
CA LYS A 126 0.12 -4.65 14.36
C LYS A 126 0.84 -4.19 15.61
N VAL A 127 1.76 -5.03 16.11
CA VAL A 127 2.48 -4.71 17.34
C VAL A 127 3.29 -3.44 17.17
N SER A 128 4.01 -3.32 16.04
CA SER A 128 4.74 -2.09 15.78
C SER A 128 3.80 -0.93 15.51
N GLY A 129 2.73 -1.17 14.77
CA GLY A 129 1.77 -0.13 14.44
C GLY A 129 1.55 0.00 12.95
N ASN A 130 0.29 -0.10 12.52
CA ASN A 130 -0.03 -0.04 11.08
C ASN A 130 -0.25 1.38 10.60
N TYR A 131 0.83 2.05 10.24
CA TYR A 131 0.78 3.43 9.77
C TYR A 131 0.42 3.49 8.29
N ASN A 132 -0.67 2.80 7.91
CA ASN A 132 -1.11 2.78 6.50
C ASN A 132 -2.50 3.38 6.27
N TYR A 133 -3.13 3.91 7.31
CA TYR A 133 -4.48 4.45 7.20
C TYR A 133 -4.39 5.97 7.32
N LEU A 134 -4.97 6.67 6.36
CA LEU A 134 -4.78 8.10 6.19
C LEU A 134 -6.10 8.84 6.29
N TYR A 135 -6.03 10.09 6.75
CA TYR A 135 -7.18 10.98 6.79
C TYR A 135 -6.70 12.40 6.58
N ARG A 136 -7.47 13.20 5.92
CA ARG A 136 -7.10 14.60 5.70
C ARG A 136 -7.50 15.36 6.93
N LEU A 137 -6.58 15.97 7.58
CA LEU A 137 -6.82 16.66 8.84
C LEU A 137 -7.52 18.00 8.61
N PHE A 138 -7.01 18.80 7.69
CA PHE A 138 -7.49 20.16 7.47
C PHE A 138 -7.71 20.42 5.98
N ARG A 139 -8.66 21.29 5.70
CA ARG A 139 -9.10 21.56 4.34
C ARG A 139 -9.86 22.89 4.34
N LYS A 140 -9.77 23.62 3.23
CA LYS A 140 -10.25 25.00 3.21
C LYS A 140 -11.78 25.09 3.20
N SER A 141 -12.47 24.09 2.66
CA SER A 141 -13.92 24.14 2.52
C SER A 141 -14.52 22.80 2.88
N ASN A 142 -15.74 22.83 3.42
CA ASN A 142 -16.46 21.61 3.74
C ASN A 142 -17.02 20.98 2.49
N LEU A 143 -17.24 19.67 2.55
CA LEU A 143 -17.62 18.90 1.36
C LEU A 143 -19.13 18.95 1.12
N LYS A 144 -19.51 18.42 -0.03
CA LYS A 144 -20.87 18.29 -0.50
C LYS A 144 -21.29 16.83 -0.49
N PRO A 145 -22.60 16.53 -0.49
CA PRO A 145 -23.03 15.13 -0.40
C PRO A 145 -22.46 14.28 -1.52
N PHE A 146 -21.83 13.16 -1.12
CA PHE A 146 -21.29 12.17 -2.05
C PHE A 146 -20.27 12.78 -3.02
N GLU A 147 -19.18 13.30 -2.45
CA GLU A 147 -18.08 13.86 -3.21
C GLU A 147 -16.79 13.16 -2.84
N ARG A 148 -15.97 12.86 -3.85
CA ARG A 148 -14.70 12.18 -3.65
C ARG A 148 -13.59 13.21 -3.47
N ASP A 149 -12.70 12.95 -2.51
CA ASP A 149 -11.57 13.81 -2.19
C ASP A 149 -10.30 13.01 -2.40
N ILE A 150 -9.76 13.05 -3.63
CA ILE A 150 -8.53 12.33 -3.96
C ILE A 150 -7.35 13.24 -4.18
N SER A 151 -7.55 14.55 -4.28
CA SER A 151 -6.45 15.47 -4.51
C SER A 151 -5.53 15.54 -3.30
N THR A 152 -4.22 15.53 -3.55
CA THR A 152 -3.21 15.61 -2.50
C THR A 152 -2.33 16.84 -2.68
N GLU A 153 -2.91 17.94 -3.17
CA GLU A 153 -2.16 19.16 -3.40
C GLU A 153 -1.80 19.82 -2.06
N ILE A 154 -0.87 20.76 -2.12
CA ILE A 154 -0.44 21.49 -0.93
C ILE A 154 -1.53 22.47 -0.54
N TYR A 155 -1.91 22.46 0.74
CA TYR A 155 -2.94 23.34 1.26
C TYR A 155 -2.28 24.52 1.95
N GLN A 156 -2.60 25.72 1.49
CA GLN A 156 -1.95 26.95 1.93
C GLN A 156 -2.91 27.80 2.73
N ALA A 157 -2.48 28.21 3.92
CA ALA A 157 -3.25 29.11 4.77
C ALA A 157 -2.61 30.47 4.97
N GLY A 158 -1.29 30.58 4.77
CA GLY A 158 -0.61 31.84 4.96
C GLY A 158 -0.79 32.80 3.78
N ASN A 159 -0.31 34.03 3.99
CA ASN A 159 -0.44 35.06 2.96
C ASN A 159 0.52 34.81 1.80
N LYS A 160 1.67 34.21 2.07
CA LYS A 160 2.66 33.96 1.02
C LYS A 160 2.16 32.88 0.08
N PRO A 161 1.98 33.14 -1.21
CA PRO A 161 1.49 32.11 -2.13
C PRO A 161 2.63 31.23 -2.62
N CYS A 162 2.60 29.96 -2.23
CA CYS A 162 3.60 28.99 -2.63
C CYS A 162 3.14 28.29 -3.90
N ASN A 163 3.88 28.49 -4.99
CA ASN A 163 3.53 27.88 -6.28
C ASN A 163 3.98 26.42 -6.28
N GLY A 164 3.23 25.61 -5.54
CA GLY A 164 3.56 24.20 -5.39
C GLY A 164 4.90 23.96 -4.72
N VAL A 165 5.25 24.78 -3.74
CA VAL A 165 6.53 24.70 -3.05
C VAL A 165 6.26 24.45 -1.58
N ALA A 166 6.87 23.41 -1.03
CA ALA A 166 6.71 23.10 0.38
C ALA A 166 7.35 24.18 1.25
N GLY A 167 6.79 24.37 2.44
CA GLY A 167 7.29 25.37 3.36
C GLY A 167 6.28 25.67 4.43
N PHE A 168 6.61 26.67 5.25
CA PHE A 168 5.72 27.08 6.32
C PHE A 168 4.43 27.66 5.75
N ASN A 169 3.32 27.41 6.45
CA ASN A 169 1.98 27.84 6.06
C ASN A 169 1.54 27.20 4.75
N CYS A 170 2.32 26.26 4.24
CA CYS A 170 1.97 25.46 3.07
C CYS A 170 2.06 24.00 3.50
N TYR A 171 0.98 23.49 4.06
CA TYR A 171 0.96 22.16 4.66
C TYR A 171 0.63 21.09 3.62
N PHE A 172 0.95 19.85 3.98
CA PHE A 172 0.55 18.69 3.20
C PHE A 172 -0.58 18.01 3.96
N PRO A 173 -1.82 18.07 3.48
CA PRO A 173 -2.99 17.72 4.31
C PRO A 173 -3.31 16.23 4.31
N LEU A 174 -2.35 15.43 4.78
CA LEU A 174 -2.54 14.00 4.98
C LEU A 174 -1.72 13.54 6.17
N ARG A 175 -2.31 12.71 7.01
CA ARG A 175 -1.65 12.22 8.22
C ARG A 175 -2.13 10.80 8.50
N SER A 176 -1.28 10.02 9.17
CA SER A 176 -1.51 8.60 9.37
C SER A 176 -2.01 8.30 10.78
N TYR A 177 -2.75 7.20 10.91
CA TYR A 177 -3.26 6.74 12.20
C TYR A 177 -2.16 6.05 13.00
N SER A 178 -2.52 5.58 14.19
CA SER A 178 -1.60 4.89 15.09
C SER A 178 -2.26 3.65 15.69
N PHE A 179 -2.90 2.84 14.83
CA PHE A 179 -3.62 1.66 15.30
C PHE A 179 -2.66 0.66 15.93
N ARG A 180 -3.01 0.20 17.14
CA ARG A 180 -2.22 -0.79 17.87
C ARG A 180 -3.17 -1.67 18.66
N PRO A 181 -2.79 -2.93 18.92
CA PRO A 181 -3.69 -3.81 19.67
C PRO A 181 -3.87 -3.42 21.12
N THR A 182 -2.78 -3.13 21.82
CA THR A 182 -2.81 -2.85 23.26
C THR A 182 -3.23 -1.41 23.55
N TYR A 183 -4.38 -1.03 23.00
CA TYR A 183 -4.94 0.29 23.17
C TYR A 183 -6.34 0.18 23.78
N GLY A 184 -6.91 1.33 24.12
CA GLY A 184 -8.27 1.36 24.62
C GLY A 184 -9.27 1.11 23.50
N VAL A 185 -10.49 0.72 23.92
CA VAL A 185 -11.51 0.30 22.97
C VAL A 185 -11.86 1.44 22.02
N GLY A 186 -11.88 2.67 22.53
CA GLY A 186 -12.19 3.81 21.67
C GLY A 186 -11.20 3.98 20.54
N HIS A 187 -9.91 3.80 20.82
CA HIS A 187 -8.87 3.95 19.81
C HIS A 187 -8.68 2.69 18.97
N GLN A 188 -9.28 1.57 19.35
CA GLN A 188 -9.14 0.34 18.56
C GLN A 188 -9.82 0.52 17.20
N PRO A 189 -9.23 -0.02 16.13
CA PRO A 189 -9.82 0.17 14.80
C PRO A 189 -11.20 -0.47 14.72
N TYR A 190 -12.09 0.21 14.01
CA TYR A 190 -13.44 -0.28 13.75
C TYR A 190 -13.67 -0.30 12.25
N ARG A 191 -14.17 -1.42 11.74
CA ARG A 191 -14.53 -1.54 10.34
C ARG A 191 -15.99 -1.15 10.19
N VAL A 192 -16.25 -0.16 9.36
CA VAL A 192 -17.60 0.34 9.17
C VAL A 192 -18.03 0.22 7.72
N VAL A 193 -19.23 -0.24 7.51
CA VAL A 193 -19.80 -0.43 6.18
C VAL A 193 -21.16 0.26 6.20
N VAL A 194 -21.38 1.15 5.27
CA VAL A 194 -22.64 1.87 5.21
C VAL A 194 -23.41 1.52 3.94
N LEU A 195 -24.60 1.04 4.09
CA LEU A 195 -25.47 0.66 2.97
C LEU A 195 -26.42 1.82 2.67
N SER A 196 -26.20 2.48 1.55
CA SER A 196 -27.04 3.58 1.10
C SER A 196 -27.90 3.11 -0.07
N PHE A 197 -29.21 3.24 0.08
CA PHE A 197 -30.16 2.77 -0.92
C PHE A 197 -30.71 3.96 -1.69
N GLU A 198 -30.62 3.89 -3.01
CA GLU A 198 -31.14 4.97 -3.87
C GLU A 198 -32.43 4.54 -4.56
N GLN B 1 3.08 -14.63 -19.26
CA GLN B 1 1.72 -14.81 -18.67
C GLN B 1 1.18 -13.51 -18.09
N VAL B 2 1.86 -12.99 -17.08
CA VAL B 2 1.45 -11.75 -16.42
C VAL B 2 2.53 -10.71 -16.62
N GLN B 3 3.24 -10.80 -17.75
CA GLN B 3 4.28 -9.85 -18.09
C GLN B 3 3.77 -8.42 -17.97
N LEU B 4 4.39 -7.63 -17.09
CA LEU B 4 4.01 -6.24 -16.86
C LEU B 4 4.79 -5.34 -17.81
N GLN B 5 4.26 -5.16 -19.01
CA GLN B 5 4.91 -4.31 -20.00
C GLN B 5 4.85 -2.84 -19.57
N GLU B 6 5.75 -2.05 -20.12
CA GLU B 6 5.77 -0.62 -19.86
C GLU B 6 5.79 0.04 -21.22
N SER B 7 4.69 0.66 -21.62
CA SER B 7 4.56 1.24 -22.95
C SER B 7 5.02 2.68 -23.01
N GLY B 8 5.11 3.36 -21.87
CA GLY B 8 5.47 4.75 -21.83
C GLY B 8 6.82 4.98 -22.47
N PRO B 9 6.85 5.57 -23.67
CA PRO B 9 8.13 5.81 -24.36
C PRO B 9 8.72 7.20 -24.15
N GLY B 10 8.14 8.01 -23.27
CA GLY B 10 8.57 9.38 -23.12
C GLY B 10 9.88 9.56 -22.38
N LEU B 11 10.92 9.99 -23.11
CA LEU B 11 12.13 10.45 -22.47
C LEU B 11 11.94 11.90 -22.01
N VAL B 12 12.84 12.35 -21.14
CA VAL B 12 12.63 13.58 -20.39
C VAL B 12 13.67 14.62 -20.77
N LYS B 13 13.21 15.81 -21.15
CA LYS B 13 14.05 16.98 -21.26
C LYS B 13 14.24 17.59 -19.87
N PRO B 14 15.22 18.48 -19.69
CA PRO B 14 15.49 19.00 -18.35
C PRO B 14 14.27 19.71 -17.76
N SER B 15 14.03 19.46 -16.46
CA SER B 15 13.08 20.16 -15.60
C SER B 15 11.63 19.96 -16.00
N GLU B 16 11.33 19.20 -17.05
CA GLU B 16 9.95 18.94 -17.46
C GLU B 16 9.39 17.77 -16.66
N THR B 17 8.24 17.26 -17.06
CA THR B 17 7.59 16.18 -16.33
C THR B 17 8.26 14.85 -16.67
N LEU B 18 7.67 13.75 -16.16
CA LEU B 18 8.13 12.39 -16.42
C LEU B 18 6.94 11.60 -16.96
N SER B 19 6.75 11.67 -18.28
CA SER B 19 5.58 11.07 -18.92
C SER B 19 5.79 9.59 -19.22
N LEU B 20 6.10 8.81 -18.19
CA LEU B 20 6.19 7.37 -18.34
C LEU B 20 4.88 6.71 -17.90
N THR B 21 4.71 5.46 -18.30
CA THR B 21 3.46 4.75 -18.04
C THR B 21 3.75 3.25 -18.05
N CYS B 22 3.21 2.54 -17.06
CA CYS B 22 3.25 1.09 -17.06
C CYS B 22 1.98 0.55 -17.73
N THR B 23 2.05 -0.71 -18.16
CA THR B 23 0.94 -1.36 -18.82
C THR B 23 0.80 -2.77 -18.28
N VAL B 24 -0.39 -3.35 -18.48
CA VAL B 24 -0.70 -4.69 -18.01
C VAL B 24 -0.97 -5.57 -19.22
N SER B 25 -0.36 -6.75 -19.25
CA SER B 25 -0.63 -7.77 -20.28
C SER B 25 -1.09 -9.02 -19.55
N GLY B 26 -2.39 -9.11 -19.30
CA GLY B 26 -2.95 -10.30 -18.69
C GLY B 26 -2.77 -10.33 -17.20
N GLY B 27 -3.85 -10.59 -16.46
CA GLY B 27 -3.76 -10.73 -15.01
C GLY B 27 -4.86 -10.01 -14.27
N SER B 28 -5.37 -8.93 -14.71
CA SER B 28 -6.41 -8.18 -14.00
C SER B 28 -5.80 -7.48 -12.79
N ILE B 29 -6.17 -6.20 -12.58
CA ILE B 29 -5.60 -5.50 -11.44
C ILE B 29 -6.16 -6.05 -10.13
N SER B 30 -7.57 -5.94 -10.08
CA SER B 30 -8.27 -6.36 -8.87
C SER B 30 -7.81 -5.55 -7.66
N SER B 31 -7.35 -6.23 -6.60
CA SER B 31 -6.99 -5.55 -5.35
C SER B 31 -5.55 -5.82 -4.90
N TYR B 32 -4.62 -5.92 -5.84
CA TYR B 32 -3.22 -6.10 -5.49
C TYR B 32 -2.59 -4.72 -5.36
N TYR B 33 -1.51 -4.63 -4.60
CA TYR B 33 -0.81 -3.37 -4.40
C TYR B 33 0.27 -3.20 -5.46
N TRP B 34 -0.14 -2.75 -6.64
CA TRP B 34 0.82 -2.39 -7.67
C TRP B 34 1.62 -1.17 -7.22
N SER B 35 2.92 -1.17 -7.51
CA SER B 35 3.81 -0.14 -7.01
C SER B 35 4.89 0.14 -8.04
N TRP B 36 5.82 1.01 -7.68
CA TRP B 36 6.96 1.38 -8.52
C TRP B 36 8.23 1.35 -7.69
N ILE B 37 9.32 0.91 -8.31
CA ILE B 37 10.63 0.86 -7.69
C ILE B 37 11.66 1.39 -8.68
N ARG B 38 12.82 1.80 -8.15
CA ARG B 38 13.88 2.35 -8.99
C ARG B 38 15.23 2.04 -8.36
N GLN B 39 16.28 2.14 -9.18
CA GLN B 39 17.63 1.86 -8.70
C GLN B 39 18.66 2.45 -9.65
N SER B 40 19.70 3.06 -9.10
CA SER B 40 20.76 3.64 -9.93
C SER B 40 22.04 3.67 -9.11
N PRO B 41 23.25 3.78 -9.80
CA PRO B 41 24.34 4.07 -8.86
C PRO B 41 24.08 5.32 -8.05
N GLY B 42 24.98 5.57 -7.10
CA GLY B 42 24.80 6.63 -6.14
C GLY B 42 23.87 6.19 -5.03
N LYS B 43 22.60 6.06 -5.35
CA LYS B 43 21.59 5.49 -4.45
C LYS B 43 20.90 4.36 -5.18
N GLY B 44 20.95 3.16 -4.60
CA GLY B 44 20.51 1.98 -5.30
C GLY B 44 19.01 1.77 -5.27
N LEU B 45 18.58 0.57 -4.92
CA LEU B 45 17.16 0.25 -4.98
C LEU B 45 16.36 1.21 -4.11
N GLU B 46 15.23 1.67 -4.65
CA GLU B 46 14.42 2.68 -3.99
C GLU B 46 12.95 2.44 -4.32
N TRP B 47 12.09 2.84 -3.40
CA TRP B 47 10.65 2.61 -3.48
C TRP B 47 9.93 3.94 -3.51
N ILE B 48 9.10 4.14 -4.55
CA ILE B 48 8.41 5.41 -4.73
C ILE B 48 7.05 5.38 -4.04
N GLY B 49 6.18 4.47 -4.46
CA GLY B 49 4.86 4.36 -3.87
C GLY B 49 4.11 3.19 -4.45
N TYR B 50 2.93 2.98 -3.86
CA TYR B 50 2.04 1.89 -4.29
C TYR B 50 0.61 2.38 -4.41
N VAL B 51 -0.16 1.78 -5.31
CA VAL B 51 -1.51 2.25 -5.58
C VAL B 51 -2.48 1.10 -5.41
N TYR B 52 -3.73 1.45 -5.16
CA TYR B 52 -4.82 0.50 -4.97
C TYR B 52 -5.79 0.58 -6.15
N ASN B 53 -6.91 -0.13 -6.05
CA ASN B 53 -7.95 0.02 -7.06
C ASN B 53 -8.50 1.43 -7.11
N SER B 54 -8.26 2.23 -6.08
CA SER B 54 -8.61 3.64 -6.03
C SER B 54 -7.35 4.43 -5.69
N GLY B 55 -7.54 5.71 -5.37
CA GLY B 55 -6.41 6.58 -5.06
C GLY B 55 -5.67 6.23 -3.79
N GLY B 56 -5.96 5.08 -3.18
CA GLY B 56 -5.21 4.63 -2.03
C GLY B 56 -3.72 4.53 -2.33
N THR B 57 -2.90 5.29 -1.60
CA THR B 57 -1.47 5.36 -1.87
C THR B 57 -0.73 5.77 -0.61
N ASN B 58 0.60 5.70 -0.70
CA ASN B 58 1.48 6.24 0.34
C ASN B 58 2.83 6.48 -0.31
N TYR B 59 3.27 7.74 -0.32
CA TYR B 59 4.45 8.13 -1.08
C TYR B 59 5.70 8.18 -0.19
N ASN B 60 6.85 8.22 -0.85
CA ASN B 60 8.15 8.23 -0.19
C ASN B 60 8.45 9.66 0.29
N PRO B 61 8.81 9.86 1.56
CA PRO B 61 9.00 11.23 2.05
C PRO B 61 10.36 11.82 1.75
N SER B 62 11.24 11.05 1.12
CA SER B 62 12.51 11.63 0.69
C SER B 62 12.12 12.56 -0.45
N LEU B 63 11.33 12.06 -1.40
CA LEU B 63 10.83 12.90 -2.49
C LEU B 63 9.34 12.64 -2.51
N ARG B 64 8.52 13.63 -2.15
CA ARG B 64 7.10 13.36 -2.02
C ARG B 64 6.24 14.22 -2.93
N SER B 65 6.43 15.54 -2.93
CA SER B 65 5.55 16.42 -3.70
C SER B 65 5.69 16.17 -5.19
N ARG B 66 6.90 16.04 -5.70
CA ARG B 66 7.08 15.88 -7.12
C ARG B 66 6.40 14.61 -7.64
N VAL B 67 6.57 13.51 -6.93
CA VAL B 67 6.05 12.22 -7.40
C VAL B 67 4.55 12.19 -7.13
N THR B 68 3.76 12.01 -8.18
CA THR B 68 2.30 11.97 -8.10
C THR B 68 1.83 10.80 -8.95
N ILE B 69 1.56 9.67 -8.31
CA ILE B 69 1.16 8.45 -9.01
C ILE B 69 -0.32 8.56 -9.37
N SER B 70 -0.76 7.79 -10.36
CA SER B 70 -2.14 7.80 -10.82
C SER B 70 -2.70 6.38 -10.74
N VAL B 71 -4.01 6.28 -10.92
CA VAL B 71 -4.71 5.00 -10.88
C VAL B 71 -5.62 4.90 -12.10
N ASP B 72 -5.57 3.75 -12.77
CA ASP B 72 -6.46 3.44 -13.89
C ASP B 72 -7.11 2.08 -13.60
N THR B 73 -8.37 2.12 -13.17
CA THR B 73 -9.02 0.89 -12.71
C THR B 73 -9.29 -0.08 -13.86
N SER B 74 -9.72 0.42 -15.01
CA SER B 74 -10.08 -0.44 -16.14
C SER B 74 -9.03 -0.41 -17.24
N LYS B 75 -8.72 0.78 -17.76
CA LYS B 75 -7.71 0.88 -18.82
C LYS B 75 -6.30 0.67 -18.30
N ASN B 76 -6.12 0.56 -16.98
CA ASN B 76 -4.85 0.19 -16.36
C ASN B 76 -3.65 0.87 -17.02
N HIS B 77 -3.79 2.15 -17.35
CA HIS B 77 -2.67 2.95 -17.83
C HIS B 77 -2.03 3.74 -16.69
N PHE B 78 -2.10 3.20 -15.47
CA PHE B 78 -1.46 3.83 -14.33
C PHE B 78 -0.03 4.23 -14.67
N SER B 79 0.21 5.56 -14.19
CA SER B 79 1.49 6.18 -14.49
C SER B 79 2.23 6.71 -13.28
N LEU B 80 3.61 6.82 -13.44
CA LEU B 80 4.38 7.44 -12.38
C LEU B 80 4.77 8.83 -12.87
N LYS B 81 3.87 9.79 -12.67
CA LYS B 81 4.12 11.15 -13.11
C LYS B 81 5.00 11.88 -12.11
N LEU B 82 5.84 12.77 -12.63
CA LEU B 82 6.82 13.47 -11.83
C LEU B 82 7.00 14.87 -12.39
N ARG B 83 7.35 15.80 -11.50
CA ARG B 83 7.60 17.18 -11.89
C ARG B 83 8.95 17.62 -11.33
N SER B 84 9.58 18.57 -12.03
CA SER B 84 10.91 19.04 -11.68
C SER B 84 11.93 17.89 -11.77
N VAL B 85 12.03 17.31 -12.96
CA VAL B 85 13.03 16.28 -13.22
C VAL B 85 14.41 16.91 -13.22
N THR B 86 15.32 16.30 -12.48
CA THR B 86 16.68 16.79 -12.31
C THR B 86 17.63 16.07 -13.26
N THR B 87 18.90 16.45 -13.19
CA THR B 87 19.96 15.76 -13.91
C THR B 87 20.48 14.55 -13.16
N ALA B 88 19.93 14.27 -11.98
CA ALA B 88 20.34 13.14 -11.18
C ALA B 88 19.41 11.93 -11.29
N ASP B 89 18.16 12.16 -11.70
CA ASP B 89 17.18 11.06 -11.78
C ASP B 89 17.55 10.01 -12.84
N THR B 90 18.47 10.35 -13.73
CA THR B 90 18.88 9.41 -14.76
C THR B 90 19.16 8.05 -14.15
N GLY B 91 18.35 7.07 -14.51
CA GLY B 91 18.50 5.73 -13.98
C GLY B 91 17.51 4.80 -14.63
N VAL B 92 17.65 3.51 -14.30
CA VAL B 92 16.77 2.47 -14.83
C VAL B 92 15.63 2.28 -13.83
N TYR B 93 14.41 2.49 -14.32
CA TYR B 93 13.25 2.35 -13.46
C TYR B 93 12.60 1.00 -13.64
N TYR B 94 11.80 0.60 -12.67
CA TYR B 94 11.16 -0.70 -12.70
C TYR B 94 9.74 -0.61 -12.16
N CYS B 95 8.94 -1.60 -12.51
CA CYS B 95 7.51 -1.63 -12.21
C CYS B 95 7.23 -2.86 -11.36
N ALA B 96 6.61 -2.66 -10.19
CA ALA B 96 6.60 -3.67 -9.15
C ALA B 96 5.17 -4.09 -8.81
N ARG B 97 5.04 -5.38 -8.50
CA ARG B 97 3.76 -5.95 -8.14
C ARG B 97 4.00 -6.84 -6.91
N ASP B 98 3.00 -6.99 -6.05
CA ASP B 98 3.11 -7.73 -4.80
C ASP B 98 2.39 -9.08 -4.88
N LEU B 99 2.57 -9.89 -3.85
CA LEU B 99 1.95 -11.21 -3.76
C LEU B 99 0.69 -11.15 -2.89
N GLY B 100 -0.34 -11.85 -3.32
CA GLY B 100 -1.59 -11.92 -2.59
C GLY B 100 -1.72 -13.11 -1.66
N TYR B 101 -0.79 -13.26 -0.72
CA TYR B 101 -0.91 -14.30 0.32
C TYR B 101 -0.76 -13.70 1.71
N SER B 102 -1.25 -12.49 1.91
CA SER B 102 -0.98 -11.76 3.15
C SER B 102 -2.14 -10.83 3.52
N SER B 103 -1.85 -9.86 4.38
CA SER B 103 -2.85 -8.89 4.83
C SER B 103 -2.45 -7.51 4.32
N GLY B 104 -3.10 -6.46 4.80
CA GLY B 104 -2.93 -5.14 4.23
C GLY B 104 -1.56 -4.53 4.44
N TRP B 105 -0.54 -5.17 3.86
CA TRP B 105 0.82 -4.66 3.94
C TRP B 105 1.58 -5.04 2.67
N PRO B 106 1.91 -4.06 1.82
CA PRO B 106 2.73 -4.38 0.64
C PRO B 106 4.16 -4.69 1.03
N ASP B 107 4.54 -5.96 0.99
CA ASP B 107 5.84 -6.37 1.53
C ASP B 107 6.62 -7.26 0.57
N ALA B 108 5.92 -8.06 -0.25
CA ALA B 108 6.55 -9.10 -1.05
C ALA B 108 6.45 -8.74 -2.52
N PHE B 109 7.52 -8.15 -3.04
CA PHE B 109 7.61 -7.84 -4.46
C PHE B 109 8.01 -9.10 -5.22
N ASP B 110 7.12 -9.61 -6.07
CA ASP B 110 7.38 -10.82 -6.83
C ASP B 110 7.44 -10.56 -8.33
N ILE B 111 6.37 -10.04 -8.92
CA ILE B 111 6.30 -9.90 -10.37
C ILE B 111 7.01 -8.63 -10.78
N TRP B 112 7.82 -8.70 -11.83
CA TRP B 112 8.63 -7.57 -12.27
C TRP B 112 8.76 -7.59 -13.79
N GLY B 113 9.04 -6.41 -14.35
CA GLY B 113 9.16 -6.27 -15.79
C GLY B 113 10.38 -5.46 -16.15
N GLN B 114 10.80 -5.61 -17.41
CA GLN B 114 11.99 -4.90 -17.88
C GLN B 114 11.82 -3.40 -17.70
N GLY B 115 12.97 -2.72 -17.50
CA GLY B 115 12.99 -1.34 -17.08
C GLY B 115 12.99 -0.34 -18.23
N LYS B 116 13.39 0.89 -17.92
CA LYS B 116 13.39 1.97 -18.92
C LYS B 116 14.58 2.90 -18.75
N MET B 117 14.85 3.74 -19.75
CA MET B 117 15.95 4.68 -19.71
C MET B 117 15.51 6.14 -19.73
N VAL B 118 16.40 7.03 -19.15
CA VAL B 118 16.09 8.46 -19.24
C VAL B 118 17.43 9.19 -19.14
N THR B 119 17.65 10.21 -19.84
CA THR B 119 18.90 10.96 -19.95
C THR B 119 18.61 12.39 -20.38
N VAL B 120 19.57 13.28 -20.13
CA VAL B 120 19.41 14.71 -20.34
C VAL B 120 20.61 15.23 -21.13
N SER B 121 20.35 16.10 -22.09
CA SER B 121 21.41 16.63 -22.93
C SER B 121 20.91 17.84 -23.70
N GLU C 1 15.69 6.60 11.34
CA GLU C 1 15.61 5.93 10.01
C GLU C 1 16.20 4.52 10.09
N ILE C 2 15.80 3.68 9.12
CA ILE C 2 16.21 2.28 9.08
C ILE C 2 17.41 2.13 8.17
N VAL C 3 18.47 1.50 8.68
CA VAL C 3 19.73 1.40 7.96
C VAL C 3 20.25 -0.04 8.05
N LEU C 4 20.94 -0.46 7.00
CA LEU C 4 21.54 -1.79 6.93
C LEU C 4 22.98 -1.66 6.46
N THR C 5 23.86 -2.44 7.07
CA THR C 5 25.30 -2.40 6.81
C THR C 5 25.82 -3.78 6.48
N GLN C 6 25.14 -4.45 5.54
CA GLN C 6 25.40 -5.86 5.26
C GLN C 6 26.88 -6.09 4.94
N SER C 7 27.43 -7.14 5.52
CA SER C 7 28.81 -7.57 5.36
C SER C 7 28.82 -9.07 5.07
N PRO C 8 29.93 -9.61 4.57
CA PRO C 8 31.20 -8.98 4.20
C PRO C 8 31.21 -8.47 2.75
N ALA C 9 32.38 -8.30 2.14
CA ALA C 9 32.49 -7.85 0.76
C ALA C 9 33.20 -8.82 -0.17
N THR C 10 34.24 -9.52 0.30
CA THR C 10 35.08 -10.36 -0.56
C THR C 10 34.76 -11.82 -0.30
N LEU C 11 34.49 -12.57 -1.38
CA LEU C 11 34.20 -14.00 -1.27
C LEU C 11 34.50 -14.67 -2.61
N SER C 12 34.92 -15.92 -2.57
CA SER C 12 35.16 -16.73 -3.76
C SER C 12 34.83 -18.19 -3.46
N LEU C 13 34.31 -18.89 -4.47
CA LEU C 13 33.89 -20.28 -4.30
C LEU C 13 33.88 -20.96 -5.67
N SER C 14 33.21 -22.11 -5.76
CA SER C 14 33.04 -22.95 -6.94
C SER C 14 31.75 -23.73 -6.73
N PRO C 15 31.34 -24.66 -7.60
CA PRO C 15 30.02 -25.28 -7.39
C PRO C 15 29.96 -26.09 -6.11
N GLY C 16 28.78 -26.12 -5.50
CA GLY C 16 28.52 -26.98 -4.38
C GLY C 16 29.47 -26.77 -3.22
N GLU C 17 29.74 -25.50 -2.89
CA GLU C 17 30.66 -25.15 -1.82
C GLU C 17 29.89 -24.47 -0.69
N ARG C 18 30.56 -24.28 0.44
CA ARG C 18 29.91 -23.69 1.59
C ARG C 18 29.36 -22.32 1.28
N ALA C 19 28.68 -21.72 2.24
CA ALA C 19 28.13 -20.39 2.06
C ALA C 19 27.73 -19.80 3.41
N THR C 20 27.75 -18.47 3.47
CA THR C 20 27.44 -17.76 4.70
C THR C 20 27.03 -16.34 4.36
N LEU C 21 26.07 -15.80 5.12
CA LEU C 21 25.54 -14.47 4.87
C LEU C 21 25.01 -13.90 6.19
N SER C 22 24.89 -12.57 6.23
CA SER C 22 24.38 -11.87 7.42
C SER C 22 23.83 -10.52 7.01
N CYS C 23 22.96 -9.96 7.85
CA CYS C 23 22.38 -8.65 7.64
C CYS C 23 22.46 -7.86 8.94
N THR C 24 22.74 -6.56 8.84
CA THR C 24 23.08 -5.72 9.99
C THR C 24 22.01 -4.64 10.16
N ALA C 25 20.92 -5.01 10.84
CA ALA C 25 19.88 -4.05 11.14
C ALA C 25 20.33 -3.12 12.26
N SER C 26 19.56 -2.06 12.49
CA SER C 26 19.94 -1.03 13.46
C SER C 26 19.01 -0.98 14.67
N GLN C 27 17.71 -0.75 14.47
CA GLN C 27 16.80 -0.56 15.60
C GLN C 27 15.96 -1.81 15.89
N SER C 28 15.04 -2.16 15.00
CA SER C 28 14.19 -3.31 15.26
C SER C 28 13.42 -3.75 14.02
N VAL C 29 13.68 -4.97 13.55
CA VAL C 29 12.92 -5.53 12.45
C VAL C 29 11.88 -6.55 12.92
N PHE C 30 11.98 -7.00 14.18
CA PHE C 30 11.16 -8.07 14.70
C PHE C 30 11.28 -9.29 13.80
N SER C 31 10.29 -9.50 12.91
CA SER C 31 10.30 -10.63 11.99
C SER C 31 9.74 -10.20 10.64
N TYR C 32 10.14 -9.06 10.13
CA TYR C 32 9.57 -8.59 8.87
C TYR C 32 10.63 -8.27 7.79
N LEU C 33 11.90 -8.63 8.00
CA LEU C 33 12.90 -8.42 6.97
C LEU C 33 12.78 -9.50 5.90
N ALA C 34 13.47 -9.28 4.78
CA ALA C 34 13.37 -10.17 3.63
C ALA C 34 14.70 -10.21 2.89
N TRP C 35 14.89 -11.27 2.12
CA TRP C 35 16.10 -11.50 1.34
C TRP C 35 15.72 -11.72 -0.12
N TYR C 36 16.52 -11.15 -1.02
CA TYR C 36 16.21 -11.10 -2.44
C TYR C 36 17.42 -11.49 -3.27
N GLN C 37 17.16 -11.80 -4.55
CA GLN C 37 18.24 -12.16 -5.46
C GLN C 37 18.04 -11.48 -6.81
N GLN C 38 19.10 -10.94 -7.38
CA GLN C 38 19.07 -10.20 -8.65
C GLN C 38 20.33 -10.55 -9.46
N LYS C 39 20.19 -11.50 -10.39
CA LYS C 39 21.29 -11.82 -11.28
C LYS C 39 21.59 -10.61 -12.16
N PRO C 40 22.84 -10.45 -12.62
CA PRO C 40 23.26 -9.18 -13.22
C PRO C 40 22.88 -9.08 -14.69
N GLY C 41 21.86 -8.27 -14.97
CA GLY C 41 21.37 -8.10 -16.32
C GLY C 41 19.86 -8.10 -16.44
N GLN C 42 19.17 -8.67 -15.45
CA GLN C 42 17.73 -8.81 -15.50
C GLN C 42 17.12 -8.31 -14.19
N ALA C 43 15.82 -8.54 -14.02
CA ALA C 43 15.09 -7.98 -12.90
C ALA C 43 15.44 -8.69 -11.59
N PRO C 44 15.22 -8.05 -10.45
CA PRO C 44 15.47 -8.72 -9.17
C PRO C 44 14.50 -9.87 -8.90
N ARG C 45 14.69 -10.51 -7.74
CA ARG C 45 13.84 -11.62 -7.36
C ARG C 45 13.78 -11.72 -5.86
N LEU C 46 12.82 -12.45 -5.33
CA LEU C 46 12.63 -12.64 -3.90
C LEU C 46 13.07 -14.03 -3.48
N LEU C 47 13.79 -14.04 -2.30
CA LEU C 47 14.28 -15.31 -1.76
C LEU C 47 13.56 -15.71 -0.49
N ILE C 48 13.50 -14.89 0.50
CA ILE C 48 12.96 -15.20 1.82
C ILE C 48 12.04 -14.07 2.25
N TYR C 49 10.91 -14.43 2.86
CA TYR C 49 9.99 -13.47 3.44
C TYR C 49 9.55 -13.96 4.81
N GLY C 50 9.40 -13.02 5.75
CA GLY C 50 9.04 -13.35 7.11
C GLY C 50 10.22 -13.64 8.01
N ALA C 51 11.42 -13.73 7.46
CA ALA C 51 12.65 -13.86 8.24
C ALA C 51 12.82 -15.27 8.80
N PHE C 52 11.82 -16.14 8.62
CA PHE C 52 11.96 -17.53 9.02
C PHE C 52 11.25 -18.48 8.07
N ASN C 53 10.73 -17.98 6.95
CA ASN C 53 9.95 -18.79 6.03
C ASN C 53 10.49 -18.63 4.62
N ARG C 54 10.70 -19.76 3.95
CA ARG C 54 11.06 -19.75 2.54
C ARG C 54 9.83 -19.49 1.68
N ALA C 55 10.01 -18.69 0.64
CA ALA C 55 8.93 -18.36 -0.27
C ALA C 55 8.76 -19.43 -1.33
N THR C 56 7.64 -19.36 -2.04
CA THR C 56 7.35 -20.36 -3.07
C THR C 56 8.37 -20.27 -4.20
N GLY C 57 8.61 -21.41 -4.85
CA GLY C 57 9.53 -21.50 -5.96
C GLY C 57 10.99 -21.63 -5.55
N ILE C 58 11.35 -21.00 -4.44
CA ILE C 58 12.74 -21.11 -3.96
C ILE C 58 13.04 -22.57 -3.67
N PRO C 59 14.20 -23.09 -4.10
CA PRO C 59 14.44 -24.53 -3.94
C PRO C 59 14.59 -24.95 -2.48
N ALA C 60 14.93 -26.23 -2.27
CA ALA C 60 14.91 -26.78 -0.92
C ALA C 60 15.90 -26.07 -0.01
N ARG C 61 17.11 -25.83 -0.54
CA ARG C 61 18.19 -25.25 0.25
C ARG C 61 18.28 -23.75 0.32
N PHE C 62 17.31 -23.12 0.95
CA PHE C 62 17.37 -21.68 1.21
C PHE C 62 16.52 -21.39 2.43
N SER C 63 17.16 -21.04 3.55
CA SER C 63 16.42 -20.75 4.77
C SER C 63 17.27 -19.90 5.69
N GLY C 64 16.62 -18.96 6.39
CA GLY C 64 17.31 -18.06 7.29
C GLY C 64 16.41 -17.68 8.46
N SER C 65 17.03 -17.05 9.45
CA SER C 65 16.38 -16.66 10.69
C SER C 65 16.47 -15.15 10.86
N GLY C 66 16.08 -14.65 12.04
CA GLY C 66 16.22 -13.23 12.32
C GLY C 66 15.72 -12.79 13.69
N SER C 67 16.52 -11.97 14.37
CA SER C 67 16.15 -11.32 15.63
C SER C 67 16.70 -9.90 15.71
N GLU C 68 16.54 -9.13 14.64
CA GLU C 68 16.99 -7.71 14.63
C GLU C 68 18.50 -7.51 14.70
N THR C 69 19.25 -8.51 15.16
CA THR C 69 20.71 -8.41 15.23
C THR C 69 21.44 -9.70 14.92
N ASP C 70 20.78 -10.86 14.97
CA ASP C 70 21.45 -12.17 14.92
C ASP C 70 20.83 -13.03 13.82
N PHE C 71 20.67 -12.43 12.64
CA PHE C 71 20.14 -13.16 11.50
C PHE C 71 21.16 -14.20 11.04
N THR C 72 20.67 -15.36 10.64
CA THR C 72 21.52 -16.48 10.25
C THR C 72 20.88 -17.21 9.06
N LEU C 73 21.61 -17.29 7.95
CA LEU C 73 21.25 -18.12 6.81
C LEU C 73 22.31 -19.21 6.72
N THR C 74 21.93 -20.45 7.07
CA THR C 74 22.84 -21.58 7.03
C THR C 74 22.63 -22.33 5.72
N ILE C 75 23.49 -22.06 4.75
CA ILE C 75 23.45 -22.71 3.44
C ILE C 75 24.87 -23.05 3.02
N SER C 76 25.04 -24.19 2.37
CA SER C 76 26.36 -24.60 1.91
C SER C 76 26.36 -25.19 0.51
N SER C 77 25.43 -24.76 -0.34
CA SER C 77 25.35 -25.28 -1.70
C SER C 77 25.37 -24.20 -2.76
N LEU C 78 26.37 -24.25 -3.65
CA LEU C 78 26.44 -23.28 -4.74
C LEU C 78 26.22 -23.98 -6.07
N GLU C 79 25.00 -23.90 -6.60
CA GLU C 79 24.70 -24.62 -7.83
C GLU C 79 25.48 -23.97 -8.98
N PRO C 80 25.50 -24.58 -10.17
CA PRO C 80 26.03 -23.88 -11.34
C PRO C 80 25.48 -22.47 -11.52
N GLU C 81 24.43 -22.13 -10.78
CA GLU C 81 23.87 -20.79 -10.76
C GLU C 81 23.91 -20.29 -9.33
N ASP C 82 23.18 -19.17 -9.05
CA ASP C 82 23.10 -18.68 -7.66
C ASP C 82 24.42 -18.12 -7.11
N PHE C 83 25.41 -17.85 -7.94
CA PHE C 83 26.61 -17.18 -7.48
C PHE C 83 26.43 -15.67 -7.42
N ALA C 84 25.22 -15.19 -7.71
CA ALA C 84 24.99 -13.78 -7.98
C ALA C 84 24.78 -13.01 -6.68
N VAL C 85 24.34 -11.76 -6.78
CA VAL C 85 24.13 -10.94 -5.60
C VAL C 85 22.94 -11.47 -4.82
N TYR C 86 22.98 -11.30 -3.50
CA TYR C 86 21.85 -11.55 -2.62
C TYR C 86 21.50 -10.25 -1.93
N TYR C 87 20.22 -9.90 -1.96
CA TYR C 87 19.76 -8.56 -1.57
C TYR C 87 18.95 -8.64 -0.29
N CYS C 88 19.39 -7.92 0.74
CA CYS C 88 18.65 -7.83 1.97
C CYS C 88 17.55 -6.77 1.85
N GLN C 89 16.43 -7.03 2.52
CA GLN C 89 15.30 -6.11 2.48
C GLN C 89 14.69 -6.02 3.87
N GLN C 90 14.14 -4.86 4.18
CA GLN C 90 13.51 -4.64 5.48
C GLN C 90 12.42 -3.59 5.32
N HIS C 91 11.27 -3.87 5.95
CA HIS C 91 10.13 -2.95 5.90
C HIS C 91 9.22 -3.13 7.13
N SER C 92 9.35 -2.24 8.10
CA SER C 92 8.52 -2.29 9.30
C SER C 92 8.39 -0.84 9.72
N ASN C 93 9.46 -0.08 9.53
CA ASN C 93 9.41 1.35 9.83
C ASN C 93 9.44 2.07 8.51
N TRP C 94 8.45 2.90 8.24
CA TRP C 94 8.36 3.56 6.94
C TRP C 94 9.50 4.55 6.79
N PRO C 95 10.13 4.65 5.61
CA PRO C 95 9.93 3.84 4.39
C PRO C 95 10.72 2.54 4.42
N GLY C 96 10.46 1.63 3.47
CA GLY C 96 11.22 0.40 3.39
C GLY C 96 12.35 0.51 2.38
N THR C 97 13.52 0.04 2.78
CA THR C 97 14.71 0.08 1.94
C THR C 97 15.34 -1.30 1.84
N PHE C 98 16.08 -1.52 0.77
CA PHE C 98 16.78 -2.77 0.53
C PHE C 98 18.23 -2.64 1.02
N GLY C 99 19.03 -3.66 0.74
CA GLY C 99 20.44 -3.64 1.06
C GLY C 99 21.30 -3.36 -0.16
N GLN C 100 22.61 -3.57 0.01
CA GLN C 100 23.56 -3.44 -1.09
C GLN C 100 23.97 -4.81 -1.64
N GLY C 101 24.47 -5.70 -0.78
CA GLY C 101 24.80 -7.05 -1.17
C GLY C 101 26.30 -7.24 -1.36
N THR C 102 26.65 -8.47 -1.73
CA THR C 102 28.03 -8.84 -2.05
C THR C 102 27.97 -9.91 -3.14
N LYS C 103 29.08 -10.62 -3.32
CA LYS C 103 29.23 -11.55 -4.44
C LYS C 103 30.13 -12.71 -4.04
N VAL C 104 30.23 -13.69 -4.94
CA VAL C 104 31.24 -14.74 -4.87
C VAL C 104 31.66 -15.05 -6.30
N GLU C 105 32.93 -15.45 -6.47
CA GLU C 105 33.45 -15.76 -7.80
C GLU C 105 33.77 -17.25 -7.96
N ILE C 106 34.07 -17.65 -9.20
CA ILE C 106 34.60 -18.97 -9.51
C ILE C 106 36.11 -18.85 -9.48
#